data_2UY5
#
_entry.id   2UY5
#
_cell.length_a   73.346
_cell.length_b   111.620
_cell.length_c   37.268
_cell.angle_alpha   90.00
_cell.angle_beta   90.00
_cell.angle_gamma   90.00
#
_symmetry.space_group_name_H-M   'P 21 21 2'
#
loop_
_entity.id
_entity.type
_entity.pdbx_description
1 polymer ENDOCHITINASE
2 non-polymer N-(FURAN-2-YLMETHYL)-7H-PURIN-6-AMINE
3 water water
#
_entity_poly.entity_id   1
_entity_poly.type   'polypeptide(L)'
_entity_poly.pdbx_seq_one_letter_code
;DRSANTNIAVYWGQNSAGTQESLATYCESSDADIFLLSFLNQFPTLGLNFANACSDTFSDGLLHCTQIAEDIETCQSLGK
KVLLSLGGASGSYLFSDDSQAETFAQTLWDTFGEGTGASERPFDSAVVDGFDFDIENNNEVGYSALATKLRTLFAEGTKQ
YYLSAAPQCPYPDASVGDLLENADIDFAFIQFYNNYCSVSGQFNWDTWLTYAQTVSPNKNIKLFLGLPGSASAAGSGYIS
DTSLLESTIADIASSSSFGGIALWDASQAFSNELNGEPYVEILKNLLTSASQTA
;
_entity_poly.pdbx_strand_id   A
#
loop_
_chem_comp.id
_chem_comp.type
_chem_comp.name
_chem_comp.formula
H35 non-polymer N-(FURAN-2-YLMETHYL)-7H-PURIN-6-AMINE 'C10 H9 N5 O'
#
# COMPACT_ATOMS: atom_id res chain seq x y z
N ASN A 5 0.48 -8.61 15.44
CA ASN A 5 1.78 -8.35 14.72
C ASN A 5 2.26 -6.89 14.81
N THR A 6 3.49 -6.66 14.35
CA THR A 6 4.19 -5.40 14.57
C THR A 6 4.73 -4.71 13.30
N ASN A 7 4.16 -4.96 12.12
CA ASN A 7 4.72 -4.32 10.90
C ASN A 7 4.30 -2.86 10.71
N ILE A 8 5.25 -2.03 10.26
CA ILE A 8 4.96 -0.69 9.77
C ILE A 8 4.97 -0.70 8.24
N ALA A 9 3.87 -0.25 7.64
CA ALA A 9 3.80 -0.08 6.20
C ALA A 9 3.84 1.41 5.91
N VAL A 10 4.60 1.82 4.89
CA VAL A 10 4.61 3.23 4.49
C VAL A 10 4.40 3.36 3.00
N TYR A 11 3.52 4.30 2.63
CA TYR A 11 3.41 4.69 1.20
C TYR A 11 4.62 5.56 0.86
N TRP A 12 5.18 5.42 -0.33
CA TRP A 12 6.34 6.21 -0.76
C TRP A 12 6.13 6.53 -2.23
N GLY A 13 6.38 7.76 -2.64
CA GLY A 13 6.37 8.09 -4.08
C GLY A 13 5.80 9.47 -4.38
N GLN A 14 4.74 9.83 -3.64
CA GLN A 14 3.99 11.05 -3.95
C GLN A 14 4.50 12.28 -3.25
N ASN A 15 5.59 12.15 -2.48
CA ASN A 15 6.25 13.33 -1.92
C ASN A 15 5.32 14.23 -1.10
N SER A 16 4.52 13.67 -0.21
CA SER A 16 3.57 14.48 0.57
C SER A 16 4.27 15.64 1.34
N ALA A 17 5.46 15.37 1.89
CA ALA A 17 6.19 16.35 2.70
C ALA A 17 7.01 17.37 1.88
N GLY A 18 7.16 17.10 0.59
CA GLY A 18 8.10 17.87 -0.22
C GLY A 18 9.54 17.38 -0.18
N THR A 19 9.95 16.82 0.96
CA THR A 19 11.35 16.45 1.18
C THR A 19 11.64 14.94 0.96
N GLN A 20 10.82 14.29 0.14
CA GLN A 20 10.97 12.87 -0.11
C GLN A 20 12.36 12.49 -0.63
N GLU A 21 13.00 11.56 0.05
CA GLU A 21 14.31 11.04 -0.34
C GLU A 21 14.09 9.75 -1.14
N SER A 22 15.18 9.15 -1.61
CA SER A 22 15.04 7.90 -2.40
C SER A 22 14.36 6.78 -1.59
N LEU A 23 13.74 5.87 -2.33
CA LEU A 23 13.14 4.69 -1.72
C LEU A 23 14.16 4.00 -0.79
N ALA A 24 15.37 3.75 -1.28
CA ALA A 24 16.38 3.00 -0.46
C ALA A 24 16.71 3.70 0.85
N THR A 25 16.69 5.05 0.86
CA THR A 25 16.91 5.79 2.07
C THR A 25 15.96 5.34 3.17
N TYR A 26 14.70 5.16 2.83
CA TYR A 26 13.72 4.74 3.84
C TYR A 26 13.83 3.26 4.20
N CYS A 27 14.19 2.43 3.22
CA CYS A 27 14.46 1.03 3.50
C CYS A 27 15.65 0.82 4.43
N GLU A 28 16.61 1.74 4.42
CA GLU A 28 17.81 1.65 5.25
C GLU A 28 17.55 2.11 6.68
N SER A 29 16.30 2.52 6.94
CA SER A 29 15.86 2.78 8.31
CA SER A 29 15.90 2.77 8.32
C SER A 29 15.39 1.47 8.98
N SER A 30 15.44 1.41 10.30
CA SER A 30 14.89 0.26 11.00
C SER A 30 13.36 0.39 11.12
N ASP A 31 12.81 1.52 10.64
CA ASP A 31 11.47 1.96 11.08
C ASP A 31 10.29 1.48 10.26
N ALA A 32 10.54 0.94 9.05
CA ALA A 32 9.44 0.48 8.20
C ALA A 32 9.77 -0.87 7.54
N ASP A 33 8.74 -1.67 7.29
CA ASP A 33 8.88 -3.06 6.85
C ASP A 33 8.30 -3.32 5.45
N ILE A 34 7.19 -2.62 5.15
CA ILE A 34 6.46 -2.76 3.88
C ILE A 34 6.37 -1.39 3.21
N PHE A 35 6.68 -1.33 1.91
CA PHE A 35 6.73 -0.06 1.15
C PHE A 35 5.77 -0.15 -0.01
N LEU A 36 4.87 0.81 -0.10
CA LEU A 36 3.89 0.81 -1.19
C LEU A 36 4.30 1.91 -2.16
N LEU A 37 4.74 1.52 -3.34
CA LEU A 37 5.19 2.49 -4.34
C LEU A 37 4.02 3.19 -5.02
N SER A 38 3.98 4.49 -4.84
CA SER A 38 2.78 5.31 -5.12
C SER A 38 3.09 6.28 -6.24
N PHE A 39 2.57 6.10 -7.47
CA PHE A 39 1.56 5.11 -7.90
C PHE A 39 1.73 4.70 -9.36
N LEU A 40 1.21 3.51 -9.69
CA LEU A 40 0.74 3.27 -11.07
C LEU A 40 -0.62 3.97 -11.13
N ASN A 41 -0.61 5.20 -11.63
CA ASN A 41 -1.79 6.06 -11.56
C ASN A 41 -2.63 6.07 -12.83
N GLN A 42 -2.20 5.30 -13.82
CA GLN A 42 -2.91 5.23 -15.09
C GLN A 42 -2.90 3.76 -15.55
N PHE A 43 -4.09 3.25 -15.89
CA PHE A 43 -4.24 1.85 -16.36
C PHE A 43 -5.67 1.68 -16.86
N PRO A 44 -5.91 0.70 -17.76
CA PRO A 44 -4.95 -0.29 -18.30
C PRO A 44 -3.83 0.22 -19.19
N THR A 45 -4.00 1.35 -19.87
CA THR A 45 -2.88 1.96 -20.59
C THR A 45 -1.88 2.49 -19.54
N LEU A 46 -0.70 1.87 -19.45
CA LEU A 46 0.16 2.08 -18.27
C LEU A 46 0.72 3.50 -18.12
N GLY A 47 0.68 4.01 -16.88
CA GLY A 47 1.32 5.30 -16.55
C GLY A 47 1.66 5.30 -15.08
N LEU A 48 2.88 5.71 -14.77
CA LEU A 48 3.42 5.78 -13.40
C LEU A 48 3.66 7.24 -13.03
N ASN A 49 3.64 7.50 -11.72
CA ASN A 49 4.04 8.82 -11.21
C ASN A 49 4.66 8.62 -9.85
N PHE A 50 5.91 9.04 -9.71
CA PHE A 50 6.63 9.02 -8.43
C PHE A 50 7.19 10.39 -8.08
N ALA A 51 6.39 11.43 -8.31
CA ALA A 51 6.82 12.82 -8.11
C ALA A 51 8.22 13.05 -8.67
N ASN A 52 9.12 13.63 -7.86
CA ASN A 52 10.46 13.92 -8.35
C ASN A 52 11.41 12.73 -8.41
N ALA A 53 10.94 11.53 -8.01
CA ALA A 53 11.84 10.39 -7.86
C ALA A 53 12.13 9.60 -9.16
N CYS A 54 11.42 9.92 -10.22
CA CYS A 54 11.67 9.28 -11.50
C CYS A 54 11.20 10.22 -12.62
N SER A 55 12.12 10.64 -13.48
CA SER A 55 11.76 11.58 -14.53
C SER A 55 12.02 11.05 -15.95
N ASP A 56 12.91 10.07 -16.08
CA ASP A 56 13.23 9.52 -17.40
CA ASP A 56 13.23 9.51 -17.40
C ASP A 56 12.07 8.62 -17.86
N THR A 57 11.98 8.43 -19.16
CA THR A 57 10.91 7.62 -19.75
C THR A 57 11.45 6.73 -20.87
N PHE A 58 10.70 5.67 -21.21
CA PHE A 58 10.83 5.04 -22.53
C PHE A 58 10.39 6.02 -23.61
N SER A 59 10.68 5.68 -24.86
CA SER A 59 10.32 6.58 -25.96
C SER A 59 8.80 6.86 -25.98
N ASP A 60 8.00 5.87 -25.64
CA ASP A 60 6.54 6.02 -25.61
C ASP A 60 5.98 6.76 -24.37
N GLY A 61 6.88 7.34 -23.57
CA GLY A 61 6.43 8.06 -22.36
C GLY A 61 6.24 7.35 -21.06
N LEU A 62 6.26 6.01 -21.07
CA LEU A 62 6.12 5.27 -19.82
C LEU A 62 7.38 5.54 -18.96
N LEU A 63 7.20 5.83 -17.68
CA LEU A 63 8.34 6.08 -16.81
C LEU A 63 9.33 4.93 -16.84
N HIS A 64 10.62 5.28 -16.80
CA HIS A 64 11.68 4.31 -16.74
C HIS A 64 12.57 4.77 -15.60
N CYS A 65 12.60 3.93 -14.55
CA CYS A 65 13.11 4.38 -13.25
C CYS A 65 14.26 3.55 -12.73
N THR A 66 15.47 3.80 -13.24
CA THR A 66 16.59 2.93 -12.84
C THR A 66 16.99 3.07 -11.38
N GLN A 67 16.94 4.28 -10.84
CA GLN A 67 17.20 4.44 -9.39
C GLN A 67 16.20 3.68 -8.52
N ILE A 68 14.90 3.82 -8.81
CA ILE A 68 13.92 3.08 -8.03
C ILE A 68 14.14 1.57 -8.18
N ALA A 69 14.44 1.11 -9.40
CA ALA A 69 14.75 -0.30 -9.63
C ALA A 69 15.89 -0.82 -8.71
N GLU A 70 16.99 -0.08 -8.67
CA GLU A 70 18.12 -0.46 -7.83
C GLU A 70 17.66 -0.47 -6.39
N ASP A 71 16.89 0.54 -6.00
CA ASP A 71 16.40 0.66 -4.62
C ASP A 71 15.44 -0.48 -4.23
N ILE A 72 14.57 -0.90 -5.13
CA ILE A 72 13.74 -2.09 -4.84
C ILE A 72 14.63 -3.27 -4.47
N GLU A 73 15.70 -3.48 -5.22
CA GLU A 73 16.60 -4.60 -4.95
C GLU A 73 17.32 -4.43 -3.62
N THR A 74 17.76 -3.19 -3.36
CA THR A 74 18.40 -2.91 -2.06
C THR A 74 17.43 -3.18 -0.93
N CYS A 75 16.20 -2.70 -1.09
CA CYS A 75 15.18 -2.85 -0.04
C CYS A 75 14.95 -4.32 0.26
N GLN A 76 14.90 -5.10 -0.81
CA GLN A 76 14.58 -6.52 -0.67
C GLN A 76 15.76 -7.24 -0.04
N SER A 77 16.99 -6.86 -0.37
CA SER A 77 18.17 -7.49 0.28
C SER A 77 18.08 -7.27 1.79
N LEU A 78 17.52 -6.11 2.16
CA LEU A 78 17.41 -5.76 3.58
C LEU A 78 16.19 -6.32 4.26
N GLY A 79 15.41 -7.15 3.54
CA GLY A 79 14.27 -7.87 4.14
C GLY A 79 12.95 -7.15 3.98
N LYS A 80 12.94 -6.02 3.29
CA LYS A 80 11.68 -5.27 3.11
C LYS A 80 10.84 -5.83 1.99
N LYS A 81 9.53 -5.60 2.07
CA LYS A 81 8.59 -5.95 1.02
C LYS A 81 8.20 -4.69 0.29
N VAL A 82 8.23 -4.72 -1.04
CA VAL A 82 7.95 -3.52 -1.83
C VAL A 82 6.85 -3.88 -2.83
N LEU A 83 5.66 -3.33 -2.65
CA LEU A 83 4.52 -3.57 -3.56
C LEU A 83 4.28 -2.34 -4.43
N LEU A 84 3.79 -2.57 -5.65
CA LEU A 84 3.40 -1.43 -6.48
C LEU A 84 1.96 -1.10 -6.18
N SER A 85 1.69 0.17 -5.83
CA SER A 85 0.32 0.60 -5.52
C SER A 85 -0.35 1.19 -6.77
N LEU A 86 -1.53 0.66 -7.10
CA LEU A 86 -2.37 1.15 -8.22
C LEU A 86 -3.36 2.18 -7.69
N GLY A 87 -3.51 3.28 -8.40
CA GLY A 87 -4.61 4.20 -8.12
C GLY A 87 -4.14 5.59 -7.80
N GLY A 88 -4.64 6.11 -6.69
CA GLY A 88 -4.38 7.48 -6.33
C GLY A 88 -5.40 8.47 -6.87
N ALA A 89 -5.14 9.75 -6.60
CA ALA A 89 -6.08 10.84 -6.84
C ALA A 89 -6.27 11.21 -8.32
N SER A 90 -5.50 10.58 -9.21
CA SER A 90 -5.61 10.91 -10.65
C SER A 90 -7.01 10.56 -11.14
N GLY A 91 -7.53 9.42 -10.65
CA GLY A 91 -8.71 8.79 -11.23
C GLY A 91 -8.56 8.44 -12.71
N SER A 92 -7.34 8.57 -13.25
CA SER A 92 -7.06 8.24 -14.68
C SER A 92 -6.92 6.71 -14.88
N TYR A 93 -7.91 5.98 -14.39
CA TYR A 93 -7.94 4.54 -14.47
C TYR A 93 -9.36 4.03 -14.33
N LEU A 94 -9.63 2.89 -14.96
CA LEU A 94 -10.95 2.25 -14.97
C LEU A 94 -10.90 0.98 -15.79
N PHE A 95 -11.58 -0.06 -15.30
CA PHE A 95 -11.88 -1.27 -16.10
C PHE A 95 -13.33 -1.28 -16.55
N SER A 96 -13.56 -1.67 -17.81
CA SER A 96 -14.91 -1.75 -18.33
C SER A 96 -15.59 -3.04 -17.89
N ASP A 97 -14.80 -4.09 -17.66
CA ASP A 97 -15.29 -5.43 -17.30
C ASP A 97 -14.19 -6.35 -16.74
N ASP A 98 -14.59 -7.52 -16.23
CA ASP A 98 -13.68 -8.51 -15.65
C ASP A 98 -12.65 -9.09 -16.62
N SER A 99 -13.08 -9.34 -17.86
CA SER A 99 -12.20 -9.85 -18.90
C SER A 99 -11.03 -8.91 -19.14
N GLN A 100 -11.34 -7.63 -19.29
CA GLN A 100 -10.31 -6.57 -19.44
C GLN A 100 -9.31 -6.55 -18.29
N ALA A 101 -9.80 -6.73 -17.07
CA ALA A 101 -8.96 -6.71 -15.87
C ALA A 101 -8.12 -7.98 -15.79
N GLU A 102 -8.69 -9.08 -16.27
CA GLU A 102 -7.95 -10.33 -16.31
C GLU A 102 -6.80 -10.22 -17.29
N THR A 103 -7.05 -9.64 -18.46
CA THR A 103 -5.96 -9.37 -19.42
C THR A 103 -4.90 -8.48 -18.75
N PHE A 104 -5.36 -7.48 -18.00
CA PHE A 104 -4.44 -6.60 -17.31
C PHE A 104 -3.57 -7.28 -16.22
N ALA A 105 -4.09 -8.32 -15.56
CA ALA A 105 -3.28 -9.14 -14.64
C ALA A 105 -1.99 -9.65 -15.30
N GLN A 106 -2.14 -10.25 -16.50
CA GLN A 106 -1.01 -10.69 -17.30
C GLN A 106 -0.04 -9.53 -17.62
N THR A 107 -0.60 -8.37 -17.98
CA THR A 107 0.17 -7.16 -18.25
C THR A 107 1.02 -6.75 -17.04
N LEU A 108 0.41 -6.71 -15.86
CA LEU A 108 1.17 -6.43 -14.63
C LEU A 108 2.26 -7.46 -14.34
N TRP A 109 1.91 -8.73 -14.54
CA TRP A 109 2.84 -9.81 -14.26
C TRP A 109 4.07 -9.69 -15.16
N ASP A 110 3.83 -9.39 -16.44
CA ASP A 110 4.91 -9.36 -17.41
C ASP A 110 5.72 -8.06 -17.33
N THR A 111 5.07 -6.99 -16.86
CA THR A 111 5.69 -5.65 -16.75
C THR A 111 6.43 -5.46 -15.44
N PHE A 112 5.82 -5.91 -14.34
CA PHE A 112 6.43 -5.71 -13.03
C PHE A 112 6.81 -6.97 -12.25
N GLY A 113 6.25 -8.13 -12.63
CA GLY A 113 6.55 -9.37 -11.91
C GLY A 113 7.53 -10.27 -12.64
N GLU A 114 7.33 -11.58 -12.51
CA GLU A 114 8.26 -12.56 -13.08
C GLU A 114 7.76 -13.14 -14.39
N GLY A 115 6.73 -12.52 -14.97
CA GLY A 115 6.27 -12.85 -16.31
C GLY A 115 7.37 -12.69 -17.35
N THR A 116 7.31 -13.52 -18.39
CA THR A 116 8.36 -13.57 -19.41
C THR A 116 7.92 -12.91 -20.72
N GLY A 117 6.67 -12.42 -20.77
CA GLY A 117 6.19 -11.67 -21.95
C GLY A 117 7.03 -10.41 -22.04
N ALA A 118 7.52 -10.07 -23.23
CA ALA A 118 8.71 -9.18 -23.35
C ALA A 118 8.58 -7.65 -23.11
N SER A 119 7.57 -7.26 -22.34
CA SER A 119 7.14 -5.87 -22.13
C SER A 119 8.20 -4.87 -21.68
N GLU A 120 7.87 -3.58 -21.82
CA GLU A 120 8.77 -2.53 -21.34
C GLU A 120 8.67 -2.54 -19.84
N ARG A 121 9.82 -2.64 -19.17
CA ARG A 121 9.85 -2.76 -17.70
C ARG A 121 10.36 -1.47 -17.05
N PRO A 122 9.45 -0.71 -16.41
CA PRO A 122 9.88 0.54 -15.73
C PRO A 122 11.00 0.28 -14.72
N PHE A 123 11.01 -0.91 -14.09
CA PHE A 123 12.00 -1.22 -13.05
C PHE A 123 13.07 -2.20 -13.49
N ASP A 124 13.31 -2.27 -14.80
CA ASP A 124 14.32 -3.17 -15.36
C ASP A 124 14.16 -4.61 -14.80
N SER A 125 15.22 -5.17 -14.21
CA SER A 125 15.19 -6.55 -13.75
CA SER A 125 15.17 -6.56 -13.75
C SER A 125 14.70 -6.67 -12.30
N ALA A 126 14.43 -5.53 -11.65
CA ALA A 126 13.80 -5.56 -10.31
C ALA A 126 12.38 -6.16 -10.42
N VAL A 127 11.95 -6.86 -9.38
CA VAL A 127 10.64 -7.48 -9.38
C VAL A 127 9.93 -7.08 -8.12
N VAL A 128 8.74 -6.48 -8.27
CA VAL A 128 7.97 -6.10 -7.08
C VAL A 128 7.57 -7.30 -6.26
N ASP A 129 7.21 -7.09 -4.98
CA ASP A 129 6.73 -8.22 -4.15
C ASP A 129 5.21 -8.40 -4.21
N GLY A 130 4.56 -7.61 -5.06
CA GLY A 130 3.08 -7.68 -5.18
C GLY A 130 2.50 -6.33 -5.50
N PHE A 131 1.18 -6.20 -5.25
CA PHE A 131 0.41 -5.01 -5.68
C PHE A 131 -0.57 -4.58 -4.63
N ASP A 132 -0.68 -3.25 -4.45
CA ASP A 132 -1.64 -2.65 -3.54
C ASP A 132 -2.72 -2.00 -4.37
N PHE A 133 -3.96 -2.04 -3.90
CA PHE A 133 -5.06 -1.41 -4.62
C PHE A 133 -5.57 -0.22 -3.86
N ASP A 134 -5.05 0.96 -4.25
CA ASP A 134 -5.37 2.21 -3.58
C ASP A 134 -6.28 2.99 -4.52
N ILE A 135 -7.42 2.39 -4.77
CA ILE A 135 -8.42 2.88 -5.75
C ILE A 135 -9.27 3.95 -5.11
N GLU A 136 -9.44 5.09 -5.80
CA GLU A 136 -10.13 6.25 -5.22
C GLU A 136 -11.27 6.85 -6.06
N ASN A 137 -11.71 6.13 -7.09
CA ASN A 137 -12.67 6.72 -8.03
C ASN A 137 -14.09 6.17 -7.88
N ASN A 138 -14.27 5.40 -6.79
CA ASN A 138 -15.60 4.80 -6.45
C ASN A 138 -16.14 3.92 -7.56
N ASN A 139 -15.26 3.39 -8.38
CA ASN A 139 -15.66 2.40 -9.35
C ASN A 139 -14.95 1.09 -9.10
N GLU A 140 -15.73 0.04 -8.85
CA GLU A 140 -15.18 -1.22 -8.35
C GLU A 140 -15.00 -2.29 -9.40
N VAL A 141 -15.35 -1.97 -10.64
CA VAL A 141 -15.27 -2.99 -11.69
C VAL A 141 -13.85 -3.55 -11.86
N GLY A 142 -13.77 -4.87 -11.88
CA GLY A 142 -12.58 -5.57 -12.36
C GLY A 142 -11.55 -5.96 -11.31
N TYR A 143 -11.55 -5.28 -10.15
CA TYR A 143 -10.44 -5.48 -9.20
C TYR A 143 -10.39 -6.87 -8.59
N SER A 144 -11.56 -7.43 -8.23
CA SER A 144 -11.58 -8.79 -7.68
CA SER A 144 -11.58 -8.79 -7.68
C SER A 144 -11.09 -9.81 -8.72
N ALA A 145 -11.56 -9.68 -9.96
CA ALA A 145 -11.12 -10.52 -11.06
C ALA A 145 -9.61 -10.36 -11.34
N LEU A 146 -9.12 -9.12 -11.25
CA LEU A 146 -7.70 -8.86 -11.41
C LEU A 146 -6.87 -9.58 -10.35
N ALA A 147 -7.27 -9.46 -9.07
CA ALA A 147 -6.55 -10.04 -7.95
C ALA A 147 -6.53 -11.56 -8.07
N THR A 148 -7.67 -12.10 -8.42
CA THR A 148 -7.80 -13.55 -8.53
C THR A 148 -6.88 -14.10 -9.64
N LYS A 149 -6.86 -13.44 -10.79
CA LYS A 149 -6.01 -13.87 -11.91
C LYS A 149 -4.53 -13.71 -11.53
N LEU A 150 -4.19 -12.60 -10.86
CA LEU A 150 -2.82 -12.45 -10.34
C LEU A 150 -2.40 -13.65 -9.46
N ARG A 151 -3.29 -14.12 -8.58
CA ARG A 151 -2.96 -15.25 -7.69
C ARG A 151 -2.60 -16.49 -8.48
N THR A 152 -3.28 -16.72 -9.59
CA THR A 152 -2.90 -17.88 -10.42
C THR A 152 -1.50 -17.66 -11.03
N LEU A 153 -1.25 -16.47 -11.56
CA LEU A 153 0.04 -16.19 -12.20
C LEU A 153 1.25 -16.25 -11.24
N PHE A 154 1.02 -15.88 -9.97
CA PHE A 154 2.09 -15.82 -8.97
C PHE A 154 2.76 -17.18 -8.77
N ALA A 155 2.01 -18.26 -8.96
CA ALA A 155 2.55 -19.62 -8.80
C ALA A 155 3.76 -19.89 -9.74
N GLU A 156 3.81 -19.13 -10.83
CA GLU A 156 4.95 -19.21 -11.79
C GLU A 156 6.21 -18.50 -11.25
N GLY A 157 6.03 -17.67 -10.23
CA GLY A 157 7.16 -16.92 -9.65
C GLY A 157 8.01 -17.76 -8.74
N THR A 158 9.04 -17.13 -8.16
CA THR A 158 9.98 -17.83 -7.30
C THR A 158 10.07 -17.32 -5.85
N LYS A 159 9.11 -16.46 -5.48
CA LYS A 159 9.01 -15.94 -4.14
C LYS A 159 7.52 -15.73 -3.83
N GLN A 160 7.21 -15.47 -2.57
CA GLN A 160 5.84 -15.15 -2.17
C GLN A 160 5.47 -13.77 -2.67
N TYR A 161 4.24 -13.65 -3.16
CA TYR A 161 3.68 -12.34 -3.54
C TYR A 161 2.50 -11.97 -2.67
N TYR A 162 2.29 -10.66 -2.53
CA TYR A 162 1.30 -10.11 -1.64
C TYR A 162 0.36 -9.19 -2.43
N LEU A 163 -0.93 -9.22 -2.04
CA LEU A 163 -1.89 -8.25 -2.50
C LEU A 163 -2.47 -7.53 -1.30
N SER A 164 -2.68 -6.23 -1.48
CA SER A 164 -3.25 -5.43 -0.42
C SER A 164 -4.26 -4.46 -1.00
N ALA A 165 -5.03 -3.83 -0.11
CA ALA A 165 -5.91 -2.73 -0.52
C ALA A 165 -5.87 -1.64 0.50
N ALA A 166 -6.26 -0.42 0.09
CA ALA A 166 -6.17 0.76 0.95
C ALA A 166 -7.53 1.45 1.04
N PRO A 167 -8.53 0.78 1.68
CA PRO A 167 -9.83 1.42 1.88
C PRO A 167 -9.73 2.63 2.81
N GLN A 168 -10.67 3.58 2.72
CA GLN A 168 -10.90 4.46 3.86
C GLN A 168 -11.74 3.71 4.89
N CYS A 169 -11.83 4.24 6.11
CA CYS A 169 -12.47 3.52 7.18
C CYS A 169 -13.99 3.31 7.04
N PRO A 170 -14.72 4.22 6.36
CA PRO A 170 -16.14 3.87 6.18
C PRO A 170 -16.33 2.52 5.50
N TYR A 171 -17.21 1.67 6.06
CA TYR A 171 -17.38 0.29 5.61
C TYR A 171 -18.80 0.14 5.13
N PRO A 172 -19.00 -0.42 3.92
CA PRO A 172 -17.98 -0.88 2.97
C PRO A 172 -17.38 0.25 2.16
N ASP A 173 -16.13 0.07 1.79
CA ASP A 173 -15.47 1.06 0.96
C ASP A 173 -16.02 1.05 -0.47
N ALA A 174 -16.25 2.26 -1.01
CA ALA A 174 -16.89 2.44 -2.32
C ALA A 174 -15.98 2.14 -3.50
N SER A 175 -14.67 1.97 -3.26
CA SER A 175 -13.73 1.67 -4.37
C SER A 175 -13.14 0.26 -4.26
N VAL A 176 -12.82 -0.15 -3.03
CA VAL A 176 -12.20 -1.48 -2.88
C VAL A 176 -13.02 -2.47 -2.02
N GLY A 177 -14.28 -2.12 -1.75
CA GLY A 177 -15.08 -3.02 -0.93
C GLY A 177 -15.31 -4.36 -1.62
N ASP A 178 -15.62 -4.31 -2.93
CA ASP A 178 -15.87 -5.54 -3.68
C ASP A 178 -14.64 -6.41 -3.71
N LEU A 179 -13.48 -5.80 -4.00
CA LEU A 179 -12.19 -6.49 -3.96
C LEU A 179 -11.99 -7.21 -2.63
N LEU A 180 -12.21 -6.48 -1.54
CA LEU A 180 -12.03 -7.03 -0.20
C LEU A 180 -12.96 -8.20 0.15
N GLU A 181 -14.15 -8.18 -0.45
CA GLU A 181 -15.16 -9.22 -0.20
C GLU A 181 -15.03 -10.42 -1.13
N ASN A 182 -14.35 -10.24 -2.27
CA ASN A 182 -14.39 -11.27 -3.32
C ASN A 182 -13.04 -11.79 -3.80
N ALA A 183 -11.97 -11.29 -3.21
CA ALA A 183 -10.64 -11.79 -3.55
C ALA A 183 -9.84 -12.13 -2.29
N ASP A 184 -8.79 -12.93 -2.49
CA ASP A 184 -7.82 -13.30 -1.47
C ASP A 184 -6.80 -12.15 -1.32
N ILE A 185 -6.92 -11.39 -0.24
CA ILE A 185 -6.08 -10.23 0.03
C ILE A 185 -5.25 -10.45 1.29
N ASP A 186 -3.96 -10.12 1.22
CA ASP A 186 -3.08 -10.28 2.38
C ASP A 186 -3.21 -9.19 3.45
N PHE A 187 -3.31 -7.93 3.04
CA PHE A 187 -3.27 -6.80 3.97
C PHE A 187 -4.32 -5.77 3.62
N ALA A 188 -4.98 -5.22 4.65
CA ALA A 188 -5.87 -4.03 4.49
C ALA A 188 -5.30 -2.81 5.20
N PHE A 189 -4.85 -1.82 4.43
CA PHE A 189 -4.28 -0.61 4.96
C PHE A 189 -5.42 0.42 5.05
N ILE A 190 -6.10 0.43 6.20
CA ILE A 190 -7.36 1.18 6.36
C ILE A 190 -7.08 2.60 6.84
N GLN A 191 -7.56 3.59 6.07
CA GLN A 191 -7.32 5.00 6.41
C GLN A 191 -8.31 5.47 7.47
N PHE A 192 -7.85 5.47 8.73
CA PHE A 192 -8.63 5.99 9.86
C PHE A 192 -8.36 7.47 10.03
N TYR A 193 -8.51 8.22 8.96
CA TYR A 193 -8.31 9.66 8.93
C TYR A 193 -9.12 10.25 7.79
N ASN A 194 -9.26 11.58 7.77
CA ASN A 194 -10.10 12.27 6.78
C ASN A 194 -11.55 11.79 6.75
N ASN A 195 -12.02 11.22 7.85
CA ASN A 195 -13.33 10.54 7.91
C ASN A 195 -13.90 10.53 9.32
N TYR A 196 -15.23 10.37 9.42
CA TYR A 196 -15.94 10.31 10.71
C TYR A 196 -15.38 9.23 11.62
N CYS A 197 -14.77 8.21 11.01
CA CYS A 197 -14.39 7.00 11.72
C CYS A 197 -12.92 6.97 12.16
N SER A 198 -12.29 8.12 12.16
CA SER A 198 -10.96 8.37 12.74
C SER A 198 -10.82 7.81 14.12
N VAL A 199 -9.60 7.72 14.64
CA VAL A 199 -9.40 7.07 15.92
C VAL A 199 -10.04 8.01 16.99
N SER A 200 -9.98 9.31 16.79
CA SER A 200 -10.57 10.26 17.72
C SER A 200 -12.06 10.36 17.50
N GLY A 201 -12.51 10.09 16.28
CA GLY A 201 -13.92 10.17 15.89
C GLY A 201 -14.67 8.94 16.38
N GLN A 202 -15.53 8.40 15.53
CA GLN A 202 -16.25 7.16 15.83
C GLN A 202 -15.48 5.94 15.31
N PHE A 203 -14.35 5.64 15.95
CA PHE A 203 -13.41 4.61 15.53
C PHE A 203 -14.08 3.25 15.30
N ASN A 204 -14.13 2.83 14.02
CA ASN A 204 -14.87 1.64 13.62
C ASN A 204 -14.03 0.40 13.34
N TRP A 205 -12.91 0.27 14.05
CA TRP A 205 -12.08 -0.92 14.00
C TRP A 205 -12.87 -2.23 14.11
N ASP A 206 -13.80 -2.32 15.06
CA ASP A 206 -14.60 -3.54 15.22
C ASP A 206 -15.36 -4.02 13.97
N THR A 207 -15.84 -3.08 13.16
CA THR A 207 -16.47 -3.44 11.90
C THR A 207 -15.45 -4.15 11.00
N TRP A 208 -14.24 -3.59 10.93
CA TRP A 208 -13.18 -4.17 10.15
C TRP A 208 -12.73 -5.56 10.67
N LEU A 209 -12.76 -5.78 11.99
CA LEU A 209 -12.62 -7.13 12.55
C LEU A 209 -13.68 -8.12 12.12
N THR A 210 -14.94 -7.69 12.17
CA THR A 210 -16.05 -8.50 11.70
C THR A 210 -15.81 -8.87 10.25
N TYR A 211 -15.42 -7.88 9.45
CA TYR A 211 -15.06 -8.12 8.06
C TYR A 211 -13.97 -9.21 7.97
N ALA A 212 -12.89 -9.05 8.72
CA ALA A 212 -11.75 -9.96 8.59
C ALA A 212 -12.11 -11.42 8.89
N GLN A 213 -12.88 -11.60 9.95
CA GLN A 213 -13.23 -12.91 10.51
C GLN A 213 -14.40 -13.60 9.79
N THR A 214 -15.29 -12.83 9.18
CA THR A 214 -16.54 -13.44 8.66
C THR A 214 -16.76 -13.20 7.17
N VAL A 215 -16.11 -12.18 6.61
CA VAL A 215 -16.37 -11.81 5.22
C VAL A 215 -15.20 -12.05 4.29
N SER A 216 -14.02 -11.60 4.71
CA SER A 216 -12.81 -11.72 3.90
C SER A 216 -12.60 -13.16 3.40
N PRO A 217 -12.49 -13.37 2.06
CA PRO A 217 -12.19 -14.73 1.54
C PRO A 217 -10.94 -15.33 2.14
N ASN A 218 -9.93 -14.48 2.35
CA ASN A 218 -8.79 -14.86 3.17
C ASN A 218 -9.08 -14.59 4.65
N LYS A 219 -9.42 -15.64 5.39
CA LYS A 219 -9.78 -15.42 6.80
C LYS A 219 -8.60 -14.94 7.65
N ASN A 220 -7.38 -15.13 7.13
CA ASN A 220 -6.14 -14.69 7.79
C ASN A 220 -5.63 -13.31 7.33
N ILE A 221 -6.48 -12.53 6.63
CA ILE A 221 -6.11 -11.14 6.23
C ILE A 221 -5.65 -10.32 7.44
N LYS A 222 -4.62 -9.49 7.23
CA LYS A 222 -4.12 -8.62 8.30
C LYS A 222 -4.61 -7.19 8.15
N LEU A 223 -5.20 -6.66 9.22
CA LEU A 223 -5.71 -5.29 9.27
C LEU A 223 -4.68 -4.33 9.81
N PHE A 224 -4.46 -3.21 9.09
CA PHE A 224 -3.52 -2.16 9.50
C PHE A 224 -4.22 -0.88 9.88
N LEU A 225 -3.77 -0.28 10.99
CA LEU A 225 -4.20 1.04 11.40
C LEU A 225 -3.51 2.12 10.56
N GLY A 226 -4.25 2.69 9.60
CA GLY A 226 -3.70 3.66 8.64
C GLY A 226 -3.82 5.07 9.17
N LEU A 227 -2.70 5.79 9.18
CA LEU A 227 -2.60 7.12 9.80
C LEU A 227 -1.83 8.15 8.96
N PRO A 228 -2.16 9.46 9.11
CA PRO A 228 -1.27 10.47 8.52
C PRO A 228 0.09 10.49 9.22
N GLY A 229 1.11 10.83 8.48
CA GLY A 229 2.44 10.83 9.05
C GLY A 229 2.83 12.13 9.75
N SER A 230 2.07 13.20 9.48
CA SER A 230 2.32 14.64 9.87
C SER A 230 1.08 15.54 9.57
N ALA A 231 1.22 16.85 9.74
CA ALA A 231 0.11 17.66 10.13
C ALA A 231 -1.01 17.86 9.22
N SER A 232 -0.79 18.62 8.16
CA SER A 232 0.18 18.34 7.11
C SER A 232 -0.08 17.25 6.05
N ALA A 233 -0.12 16.01 6.50
CA ALA A 233 -0.20 14.89 5.55
C ALA A 233 -1.63 14.67 5.08
N ALA A 234 -2.53 15.21 5.88
CA ALA A 234 -3.99 15.04 5.77
C ALA A 234 -4.80 16.18 6.36
N GLY A 235 -5.97 16.45 5.82
CA GLY A 235 -6.82 17.52 6.34
C GLY A 235 -7.18 17.29 7.78
N SER A 236 -7.48 16.04 8.12
CA SER A 236 -7.89 15.68 9.49
CA SER A 236 -8.01 15.65 9.43
C SER A 236 -7.37 14.34 9.90
N GLY A 237 -7.24 14.08 11.21
CA GLY A 237 -6.94 12.75 11.74
C GLY A 237 -5.51 12.47 12.17
N TYR A 238 -4.63 13.46 12.06
CA TYR A 238 -3.25 13.29 12.57
C TYR A 238 -3.24 13.17 14.08
N ILE A 239 -2.50 12.19 14.61
CA ILE A 239 -2.43 11.98 16.06
C ILE A 239 -1.06 12.29 16.67
N SER A 240 -1.10 12.96 17.82
CA SER A 240 0.10 13.14 18.68
C SER A 240 0.13 12.50 20.06
N ASP A 241 -0.94 11.85 20.43
CA ASP A 241 -1.06 11.42 21.73
C ASP A 241 -0.61 10.03 21.88
N THR A 242 0.51 9.90 22.56
CA THR A 242 1.15 8.66 22.60
C THR A 242 0.51 7.69 23.57
N SER A 243 -0.19 8.25 24.56
CA SER A 243 -1.59 8.65 24.47
C SER A 243 -2.60 7.61 24.04
N LEU A 244 -3.46 7.93 23.07
CA LEU A 244 -4.38 6.96 22.52
C LEU A 244 -3.65 5.91 21.76
N LEU A 245 -2.44 6.25 21.29
CA LEU A 245 -1.76 5.31 20.43
C LEU A 245 -1.44 4.09 21.15
N GLU A 246 -0.86 4.32 22.32
CA GLU A 246 -0.59 3.29 23.22
C GLU A 246 -1.89 2.67 23.47
N SER A 247 -2.93 3.33 23.92
CA SER A 247 -4.14 2.54 24.24
C SER A 247 -4.85 1.83 23.08
N THR A 248 -5.07 2.60 22.05
CA THR A 248 -5.46 2.09 20.72
C THR A 248 -4.65 0.98 20.26
N ILE A 249 -3.34 1.21 20.16
CA ILE A 249 -2.54 0.03 19.85
C ILE A 249 -2.85 -1.15 20.77
N ALA A 250 -2.91 -0.90 22.07
CA ALA A 250 -3.21 -1.97 23.02
C ALA A 250 -4.59 -2.62 22.75
N ASP A 251 -5.62 -1.69 22.56
CA ASP A 251 -6.96 -2.18 22.25
C ASP A 251 -7.03 -3.12 21.07
N ILE A 252 -6.26 -2.83 20.02
CA ILE A 252 -6.40 -3.57 18.77
C ILE A 252 -5.36 -4.68 18.58
N ALA A 253 -4.25 -4.61 19.32
CA ALA A 253 -3.12 -5.51 19.11
C ALA A 253 -3.32 -6.94 19.66
N SER A 254 -4.44 -7.18 20.31
CA SER A 254 -4.71 -8.49 20.90
C SER A 254 -5.13 -9.53 19.88
N SER A 255 -5.80 -9.10 18.80
CA SER A 255 -6.31 -10.02 17.80
CA SER A 255 -6.32 -9.99 17.78
C SER A 255 -5.22 -10.48 16.83
N SER A 256 -5.36 -11.72 16.37
CA SER A 256 -4.53 -12.26 15.31
C SER A 256 -4.78 -11.52 13.97
N SER A 257 -5.88 -10.76 13.87
CA SER A 257 -6.21 -9.98 12.66
C SER A 257 -5.44 -8.65 12.55
N PHE A 258 -4.78 -8.24 13.62
CA PHE A 258 -4.01 -7.01 13.63
C PHE A 258 -2.64 -7.24 12.97
N GLY A 259 -2.37 -6.50 11.89
CA GLY A 259 -1.06 -6.60 11.23
C GLY A 259 -0.06 -5.52 11.59
N GLY A 260 -0.55 -4.41 12.14
CA GLY A 260 0.28 -3.21 12.38
C GLY A 260 -0.25 -1.85 11.97
N ILE A 261 0.67 -0.93 11.68
CA ILE A 261 0.34 0.45 11.33
C ILE A 261 0.79 0.79 9.90
N ALA A 262 -0.03 1.54 9.17
CA ALA A 262 0.30 1.98 7.80
C ALA A 262 0.29 3.51 7.78
N LEU A 263 1.28 4.12 7.12
CA LEU A 263 1.46 5.59 7.19
C LEU A 263 1.41 6.27 5.82
N TRP A 264 0.67 7.38 5.72
CA TRP A 264 0.69 8.25 4.55
C TRP A 264 1.46 9.54 4.94
N ASP A 265 2.70 9.74 4.44
CA ASP A 265 3.49 8.81 3.66
C ASP A 265 4.91 8.79 4.25
N ALA A 266 5.87 8.14 3.57
CA ALA A 266 7.23 8.02 4.16
C ALA A 266 7.85 9.42 4.39
N SER A 267 7.75 10.27 3.38
CA SER A 267 8.32 11.64 3.42
C SER A 267 7.83 12.39 4.64
N GLN A 268 6.55 12.21 4.97
CA GLN A 268 5.97 12.84 6.14
C GLN A 268 6.39 12.18 7.44
N ALA A 269 6.20 10.86 7.54
CA ALA A 269 6.39 10.15 8.80
C ALA A 269 7.85 10.14 9.27
N PHE A 270 8.78 10.21 8.32
CA PHE A 270 10.21 10.18 8.64
C PHE A 270 10.77 11.54 9.02
N SER A 271 10.17 12.60 8.48
CA SER A 271 10.63 13.97 8.70
C SER A 271 9.93 14.65 9.88
N ASN A 272 8.67 14.29 10.10
CA ASN A 272 7.92 14.78 11.25
C ASN A 272 8.50 14.27 12.58
N GLU A 273 8.96 15.20 13.41
CA GLU A 273 9.56 14.85 14.71
C GLU A 273 8.68 15.30 15.88
N LEU A 274 8.64 14.48 16.94
CA LEU A 274 7.98 14.85 18.19
C GLY A 276 13.36 13.67 17.92
N GLU A 277 12.20 13.00 17.85
CA GLU A 277 12.17 11.64 17.36
C GLU A 277 11.22 11.55 16.18
N PRO A 278 11.67 10.92 15.06
CA PRO A 278 10.78 10.75 13.90
C PRO A 278 9.48 10.06 14.29
N TYR A 279 8.37 10.57 13.77
CA TYR A 279 7.06 10.00 14.07
C TYR A 279 7.02 8.48 13.78
N VAL A 280 7.59 8.05 12.65
CA VAL A 280 7.62 6.63 12.28
C VAL A 280 8.34 5.74 13.31
N GLU A 281 9.36 6.32 13.97
CA GLU A 281 10.15 5.63 14.98
C GLU A 281 9.35 5.45 16.27
N ILE A 282 8.62 6.50 16.64
CA ILE A 282 7.71 6.46 17.80
C ILE A 282 6.72 5.31 17.63
N LEU A 283 6.18 5.17 16.41
CA LEU A 283 5.15 4.18 16.16
C LEU A 283 5.70 2.76 16.07
N LYS A 284 6.87 2.59 15.43
CA LYS A 284 7.54 1.29 15.39
C LYS A 284 7.74 0.77 16.81
N ASN A 285 8.20 1.66 17.69
CA ASN A 285 8.53 1.29 19.08
C ASN A 285 7.29 1.04 19.93
N LEU A 286 6.22 1.78 19.66
CA LEU A 286 4.96 1.49 20.33
C LEU A 286 4.44 0.11 19.90
N LEU A 287 4.63 -0.27 18.63
CA LEU A 287 4.22 -1.60 18.16
C LEU A 287 4.96 -2.75 18.84
N THR A 288 6.28 -2.68 18.88
CA THR A 288 7.06 -3.75 19.48
C THR A 288 6.79 -3.83 20.98
N SER A 289 6.77 -2.66 21.65
CA SER A 289 6.62 -2.62 23.12
C SER A 289 5.19 -2.92 23.54
N ALA A 290 4.21 -2.45 22.76
CA ALA A 290 2.84 -2.88 23.01
C ALA A 290 2.66 -4.36 22.66
N SER A 291 3.59 -4.90 21.87
CA SER A 291 3.48 -6.25 21.26
C SER A 291 3.32 -7.40 22.24
CAM H35 B . -3.74 3.67 3.65
CAO H35 B . -3.25 3.59 4.90
CAN H35 B . -2.31 4.55 5.06
OAL H35 B . -2.21 5.21 3.87
CAK H35 B . -3.12 4.67 3.02
CAP H35 B . -3.29 5.20 1.59
N6 H35 B . -3.68 6.65 1.72
C6 H35 B . -3.72 7.48 0.69
N1 H35 B . -3.68 7.01 -0.56
C2 H35 B . -3.71 7.85 -1.61
N3 H35 B . -3.78 9.18 -1.48
C4 H35 B . -3.84 9.71 -0.26
C5 H35 B . -3.81 8.87 0.86
N7 H35 B . -3.88 9.66 1.93
C8 H35 B . -3.93 10.94 1.51
N9 H35 B . -3.92 10.98 0.18
#